data_3N7M
#
_entry.id   3N7M
#
_cell.length_a   57.389
_cell.length_b   57.795
_cell.length_c   184.664
_cell.angle_alpha   90.00
_cell.angle_beta   90.00
_cell.angle_gamma   90.00
#
_symmetry.space_group_name_H-M   'P 21 21 21'
#
loop_
_entity.id
_entity.type
_entity.pdbx_description
1 polymer Neurotoxin
2 non-polymer 'SULFATE ION'
3 non-polymer GLYCEROL
4 water water
#
_entity_poly.entity_id   1
_entity_poly.type   'polypeptide(L)'
_entity_poly.pdbx_seq_one_letter_code
;NSINDSKILSLQNKKNTLMDTSGYNAEVRVEGNVQLNPIFPFDFKLGSSGDDRGKVIVTQNENIVYNAMYESFSISFWIR
INKWVSNLPGYTIIDSVKNNSGWSIGIISNFLVFTLKQNENSEQDINFSYDISKNAAGYNKWFFVTITTNMMGNMMIYIN
GKLIDTIKVKELTGINFSKTITFQMNKIPNTGLITSDSDNINMWIRDFYIFAKELDDKDINILFNSLQYTNVVKDYWGND
LRYDKEYYMINVNYMNRYMSKKGNGIVFNTRKNNNDFNEGYKIIIKRIRGNTNDTRVRGENVLYFNTTIDNKQYSLGMYK
PSRNLGTDLVPLGALDQPMDEIRKYGSFIIQPCNTFDYYASQLFLSSNATTNRLGILSIGSYSFKLGDDYAFNHEYLIPV
IKIEHYASLLESTSTHWVFVPASE
;
_entity_poly.pdbx_strand_id   A
#
# COMPACT_ATOMS: atom_id res chain seq x y z
N SER A 2 4.66 24.91 7.41
CA SER A 2 3.63 25.88 7.92
C SER A 2 3.01 25.36 9.22
N ILE A 3 2.50 24.13 9.18
CA ILE A 3 1.91 23.49 10.35
C ILE A 3 3.08 22.92 11.14
N ASN A 4 4.23 22.89 10.47
CA ASN A 4 5.45 22.38 11.08
C ASN A 4 5.70 23.07 12.41
N ASP A 5 5.19 24.30 12.51
CA ASP A 5 5.35 25.07 13.74
C ASP A 5 4.81 24.32 14.95
N SER A 6 3.77 23.51 14.74
CA SER A 6 3.17 22.75 15.82
C SER A 6 3.77 21.35 16.01
N LYS A 7 4.59 20.91 15.07
CA LYS A 7 5.19 19.58 15.20
C LYS A 7 5.98 19.50 16.50
N ILE A 8 5.48 18.73 17.46
CA ILE A 8 6.14 18.57 18.76
C ILE A 8 6.91 17.26 18.91
N LEU A 9 6.72 16.36 17.95
CA LEU A 9 7.43 15.09 17.96
C LEU A 9 7.58 14.62 16.52
N SER A 10 8.81 14.29 16.14
CA SER A 10 9.05 13.85 14.78
C SER A 10 9.95 12.60 14.79
N LEU A 11 9.34 11.45 15.12
CA LEU A 11 10.08 10.19 15.19
C LEU A 11 10.58 9.70 13.85
N GLN A 12 11.88 9.85 13.61
CA GLN A 12 12.48 9.43 12.36
C GLN A 12 13.75 8.61 12.49
N ASN A 13 14.20 8.06 11.37
CA ASN A 13 15.41 7.26 11.30
C ASN A 13 16.47 8.05 10.55
N LYS A 14 17.38 8.65 11.30
CA LYS A 14 18.46 9.41 10.69
C LYS A 14 19.81 8.80 11.05
N LYS A 15 20.75 8.81 10.11
CA LYS A 15 22.08 8.23 10.34
C LYS A 15 21.96 6.83 10.94
N ASN A 16 20.86 6.17 10.61
CA ASN A 16 20.58 4.82 11.08
C ASN A 16 20.27 4.75 12.58
N THR A 17 19.65 5.79 13.11
CA THR A 17 19.29 5.83 14.53
C THR A 17 17.94 6.51 14.71
N LEU A 18 17.03 5.85 15.42
CA LEU A 18 15.70 6.41 15.65
C LEU A 18 15.80 7.56 16.62
N MET A 19 15.29 8.73 16.22
CA MET A 19 15.37 9.92 17.04
C MET A 19 14.27 10.94 16.79
N ASP A 20 14.02 11.79 17.79
CA ASP A 20 13.02 12.84 17.68
C ASP A 20 13.74 13.97 16.95
N THR A 21 13.22 14.40 15.82
CA THR A 21 13.87 15.47 15.08
C THR A 21 13.00 16.72 15.06
N SER A 22 12.11 16.82 16.05
CA SER A 22 11.18 17.95 16.18
C SER A 22 11.84 19.17 16.81
N GLY A 23 12.94 18.93 17.53
CA GLY A 23 13.63 20.02 18.19
C GLY A 23 13.51 19.84 19.70
N TYR A 24 12.45 19.16 20.13
CA TYR A 24 12.21 18.93 21.55
C TYR A 24 12.91 17.69 22.06
N ASN A 25 13.94 17.27 21.34
CA ASN A 25 14.75 16.11 21.69
C ASN A 25 14.14 15.07 22.63
N ALA A 26 12.96 14.56 22.30
CA ALA A 26 12.36 13.53 23.14
C ALA A 26 13.37 12.38 23.20
N GLU A 27 13.26 11.55 24.23
CA GLU A 27 14.20 10.45 24.40
C GLU A 27 13.72 9.16 23.73
N VAL A 28 14.53 8.65 22.80
CA VAL A 28 14.19 7.42 22.07
C VAL A 28 15.11 6.24 22.38
N ARG A 29 14.58 5.26 23.12
CA ARG A 29 15.34 4.07 23.49
C ARG A 29 14.82 2.87 22.72
N VAL A 30 15.67 2.26 21.91
CA VAL A 30 15.25 1.10 21.13
C VAL A 30 15.69 -0.17 21.87
N GLU A 31 14.76 -1.12 22.01
CA GLU A 31 15.04 -2.37 22.71
C GLU A 31 14.60 -3.60 21.92
N GLY A 32 15.34 -4.69 22.07
CA GLY A 32 14.97 -5.93 21.39
C GLY A 32 15.21 -6.01 19.90
N ASN A 33 14.30 -6.68 19.20
CA ASN A 33 14.43 -6.87 17.76
C ASN A 33 13.72 -5.84 16.90
N VAL A 34 14.40 -4.72 16.67
CA VAL A 34 13.88 -3.64 15.85
C VAL A 34 14.84 -3.47 14.68
N GLN A 35 14.35 -3.67 13.47
CA GLN A 35 15.18 -3.53 12.29
C GLN A 35 14.94 -2.22 11.58
N LEU A 36 16.03 -1.47 11.39
CA LEU A 36 15.94 -0.19 10.69
C LEU A 36 16.26 -0.39 9.22
N ASN A 37 15.45 0.23 8.36
CA ASN A 37 15.65 0.13 6.92
C ASN A 37 16.67 1.19 6.51
N PRO A 38 17.80 0.77 5.92
CA PRO A 38 18.87 1.66 5.47
C PRO A 38 18.50 2.57 4.30
N ILE A 39 17.43 2.23 3.59
CA ILE A 39 16.98 3.03 2.46
C ILE A 39 15.51 3.41 2.61
N PHE A 40 15.11 4.46 1.91
CA PHE A 40 13.73 4.94 1.98
C PHE A 40 12.74 3.78 1.98
N PRO A 41 11.66 3.90 2.78
CA PRO A 41 11.30 5.01 3.66
C PRO A 41 11.99 5.00 5.03
N PHE A 42 13.06 4.22 5.16
CA PHE A 42 13.82 4.12 6.40
C PHE A 42 12.94 3.68 7.57
N ASP A 43 11.92 2.90 7.23
CA ASP A 43 10.97 2.38 8.21
C ASP A 43 11.66 1.47 9.22
N PHE A 44 11.08 1.37 10.41
CA PHE A 44 11.64 0.45 11.39
C PHE A 44 10.59 -0.67 11.53
N LYS A 45 11.08 -1.90 11.62
CA LYS A 45 10.21 -3.06 11.70
C LYS A 45 10.14 -3.67 13.10
N LEU A 46 8.92 -3.94 13.55
CA LEU A 46 8.65 -4.55 14.85
C LEU A 46 7.96 -5.88 14.60
N GLY A 47 7.74 -6.66 15.65
CA GLY A 47 7.08 -7.94 15.49
C GLY A 47 6.48 -8.48 16.76
N SER A 48 5.46 -9.31 16.66
CA SER A 48 4.84 -9.91 17.83
C SER A 48 5.76 -11.07 18.20
N SER A 49 6.95 -11.04 17.61
CA SER A 49 8.03 -12.02 17.80
C SER A 49 7.84 -12.99 18.97
N GLY A 50 8.70 -12.87 19.99
CA GLY A 50 8.61 -13.74 21.14
C GLY A 50 9.05 -13.00 22.39
N ASP A 51 10.07 -13.54 23.05
CA ASP A 51 10.58 -12.91 24.28
C ASP A 51 11.23 -11.55 24.00
N ASP A 52 12.24 -11.53 23.14
CA ASP A 52 12.91 -10.28 22.83
C ASP A 52 12.33 -9.60 21.58
N ARG A 53 11.02 -9.35 21.60
CA ARG A 53 10.35 -8.70 20.47
C ARG A 53 10.70 -7.21 20.47
N GLY A 54 10.73 -6.61 19.28
CA GLY A 54 11.06 -5.20 19.18
C GLY A 54 10.25 -4.29 20.08
N LYS A 55 10.88 -3.22 20.54
CA LYS A 55 10.23 -2.26 21.43
C LYS A 55 10.89 -0.88 21.40
N VAL A 56 10.24 0.10 20.77
CA VAL A 56 10.76 1.45 20.68
C VAL A 56 10.12 2.35 21.72
N ILE A 57 10.91 2.86 22.66
CA ILE A 57 10.34 3.70 23.70
C ILE A 57 10.68 5.17 23.53
N VAL A 58 9.64 5.99 23.45
CA VAL A 58 9.83 7.42 23.28
C VAL A 58 9.33 8.19 24.51
N THR A 59 10.26 8.70 25.30
CA THR A 59 9.91 9.49 26.49
C THR A 59 10.13 10.97 26.12
N GLN A 60 9.10 11.79 26.30
CA GLN A 60 9.23 13.19 25.93
C GLN A 60 9.22 14.18 27.09
N ASN A 61 8.98 15.46 26.77
CA ASN A 61 8.96 16.55 27.75
C ASN A 61 7.56 16.81 28.32
N GLU A 62 7.42 16.61 29.63
CA GLU A 62 6.15 16.80 30.33
C GLU A 62 5.50 18.16 30.05
N ASN A 63 6.29 19.22 30.08
CA ASN A 63 5.79 20.57 29.82
C ASN A 63 5.14 20.65 28.46
N ILE A 64 5.79 20.07 27.47
CA ILE A 64 5.29 20.08 26.10
C ILE A 64 3.95 19.36 26.01
N VAL A 65 3.90 18.14 26.55
CA VAL A 65 2.69 17.33 26.56
C VAL A 65 1.59 18.18 27.20
N TYR A 66 1.85 18.56 28.45
CA TYR A 66 0.94 19.37 29.27
C TYR A 66 0.30 20.48 28.45
N ASN A 67 1.14 21.34 27.87
CA ASN A 67 0.69 22.46 27.05
C ASN A 67 0.37 22.04 25.64
N ALA A 68 -0.48 21.03 25.47
CA ALA A 68 -0.80 20.60 24.13
C ALA A 68 -1.93 19.59 24.07
N MET A 69 -1.70 18.42 24.64
CA MET A 69 -2.64 17.31 24.64
C MET A 69 -4.04 17.58 25.20
N TYR A 70 -4.12 18.48 26.18
CA TYR A 70 -5.41 18.77 26.80
C TYR A 70 -6.31 19.69 25.97
N GLU A 71 -5.78 20.22 24.88
CA GLU A 71 -6.57 21.09 24.02
C GLU A 71 -6.84 20.43 22.68
N SER A 72 -5.86 20.46 21.79
CA SER A 72 -5.99 19.84 20.48
C SER A 72 -4.65 19.30 20.02
N PHE A 73 -4.68 18.18 19.31
CA PHE A 73 -3.46 17.58 18.82
C PHE A 73 -3.76 16.55 17.76
N SER A 74 -2.75 16.24 16.95
CA SER A 74 -2.90 15.27 15.88
C SER A 74 -1.72 14.32 15.84
N ILE A 75 -2.00 13.10 15.41
CA ILE A 75 -0.98 12.07 15.30
C ILE A 75 -1.00 11.59 13.85
N SER A 76 0.17 11.46 13.25
CA SER A 76 0.25 10.99 11.87
C SER A 76 1.45 10.08 11.72
N PHE A 77 1.35 9.12 10.82
CA PHE A 77 2.45 8.18 10.59
C PHE A 77 2.09 7.18 9.51
N TRP A 78 3.10 6.57 8.92
CA TRP A 78 2.90 5.56 7.91
C TRP A 78 3.00 4.22 8.58
N ILE A 79 2.02 3.37 8.36
CA ILE A 79 2.06 2.08 8.98
C ILE A 79 1.75 0.96 8.03
N ARG A 80 2.37 -0.19 8.29
CA ARG A 80 2.12 -1.34 7.50
C ARG A 80 2.14 -2.54 8.45
N ILE A 81 1.08 -3.33 8.38
CA ILE A 81 0.98 -4.50 9.23
C ILE A 81 0.92 -5.68 8.30
N ASN A 82 1.82 -6.64 8.47
CA ASN A 82 1.73 -7.78 7.57
C ASN A 82 1.07 -9.01 8.14
N LYS A 83 0.02 -9.36 7.42
CA LYS A 83 -0.87 -10.46 7.64
C LYS A 83 -1.98 -10.03 8.57
N TRP A 84 -2.53 -8.87 8.25
CA TRP A 84 -3.63 -8.27 8.99
C TRP A 84 -4.90 -8.90 8.42
N VAL A 85 -5.21 -10.07 8.95
CA VAL A 85 -6.37 -10.86 8.54
C VAL A 85 -7.66 -10.37 9.24
N SER A 86 -8.81 -10.57 8.60
CA SER A 86 -10.07 -10.14 9.18
C SER A 86 -10.41 -10.73 10.56
N ASN A 87 -9.85 -11.89 10.89
CA ASN A 87 -10.09 -12.51 12.20
C ASN A 87 -8.85 -12.41 13.10
N LEU A 88 -8.08 -11.34 12.94
CA LEU A 88 -6.88 -11.12 13.73
C LEU A 88 -7.23 -10.82 15.17
N PRO A 89 -6.50 -11.43 16.12
CA PRO A 89 -6.79 -11.15 17.52
C PRO A 89 -6.35 -9.73 17.93
N GLY A 90 -6.73 -9.31 19.14
CA GLY A 90 -6.38 -7.99 19.63
C GLY A 90 -4.91 -7.72 19.89
N TYR A 91 -4.47 -6.50 19.60
CA TYR A 91 -3.07 -6.10 19.79
C TYR A 91 -2.92 -4.61 20.06
N THR A 92 -2.07 -4.27 21.01
CA THR A 92 -1.80 -2.86 21.26
C THR A 92 -0.48 -2.68 20.53
N ILE A 93 -0.38 -1.65 19.70
CA ILE A 93 0.82 -1.43 18.92
C ILE A 93 1.56 -0.14 19.29
N ILE A 94 0.80 0.94 19.42
CA ILE A 94 1.38 2.24 19.79
C ILE A 94 0.64 2.65 21.05
N ASP A 95 1.37 2.68 22.17
CA ASP A 95 0.72 2.99 23.44
C ASP A 95 1.28 4.17 24.24
N SER A 96 0.36 4.97 24.78
CA SER A 96 0.75 6.10 25.62
C SER A 96 -0.14 6.23 26.86
N VAL A 97 -0.26 5.12 27.60
CA VAL A 97 -1.04 5.06 28.83
C VAL A 97 -0.11 4.73 29.97
N LYS A 98 -0.22 5.46 31.08
CA LYS A 98 0.67 5.22 32.23
C LYS A 98 -0.04 4.60 33.45
N ASN A 99 -1.08 5.24 33.96
CA ASN A 99 -1.79 4.69 35.10
C ASN A 99 -3.25 4.54 34.72
N ASN A 100 -3.51 3.69 33.72
CA ASN A 100 -4.86 3.47 33.23
C ASN A 100 -5.39 4.73 32.58
N SER A 101 -4.49 5.62 32.19
CA SER A 101 -4.88 6.87 31.54
C SER A 101 -3.87 7.27 30.46
N GLY A 102 -4.39 7.90 29.40
CA GLY A 102 -3.56 8.34 28.28
C GLY A 102 -4.31 8.00 27.01
N TRP A 103 -3.58 7.66 25.95
CA TRP A 103 -4.22 7.25 24.70
C TRP A 103 -3.51 6.02 24.19
N SER A 104 -4.21 5.22 23.39
CA SER A 104 -3.64 4.01 22.85
C SER A 104 -4.16 3.74 21.45
N ILE A 105 -3.36 3.05 20.65
CA ILE A 105 -3.74 2.68 19.31
C ILE A 105 -3.54 1.19 19.19
N GLY A 106 -4.54 0.49 18.67
CA GLY A 106 -4.40 -0.94 18.57
C GLY A 106 -5.20 -1.50 17.41
N ILE A 107 -5.10 -2.81 17.25
CA ILE A 107 -5.79 -3.49 16.17
C ILE A 107 -6.50 -4.75 16.67
N ILE A 108 -7.60 -5.10 16.01
CA ILE A 108 -8.35 -6.30 16.33
C ILE A 108 -9.21 -6.61 15.11
N SER A 109 -9.20 -7.87 14.69
CA SER A 109 -9.92 -8.25 13.50
C SER A 109 -9.47 -7.26 12.44
N ASN A 110 -10.42 -6.64 11.75
CA ASN A 110 -10.10 -5.69 10.71
C ASN A 110 -10.24 -4.25 11.15
N PHE A 111 -9.96 -3.98 12.42
CA PHE A 111 -10.05 -2.63 12.98
C PHE A 111 -8.75 -2.03 13.52
N LEU A 112 -8.55 -0.75 13.25
CA LEU A 112 -7.43 0.01 13.78
C LEU A 112 -8.23 0.96 14.67
N VAL A 113 -7.96 0.94 15.97
CA VAL A 113 -8.71 1.81 16.86
C VAL A 113 -7.83 2.67 17.77
N PHE A 114 -8.27 3.91 17.90
CA PHE A 114 -7.62 4.92 18.72
C PHE A 114 -8.49 5.16 19.95
N THR A 115 -7.92 4.85 21.11
CA THR A 115 -8.65 5.00 22.35
C THR A 115 -8.10 6.12 23.19
N LEU A 116 -9.04 6.89 23.73
CA LEU A 116 -8.76 8.00 24.62
C LEU A 116 -9.21 7.40 25.95
N LYS A 117 -8.24 6.98 26.77
CA LYS A 117 -8.51 6.35 28.06
C LYS A 117 -8.42 7.28 29.28
N GLN A 118 -9.56 7.61 29.88
CA GLN A 118 -9.53 8.48 31.06
C GLN A 118 -9.15 7.71 32.32
N ASN A 119 -9.58 6.45 32.39
CA ASN A 119 -9.24 5.57 33.51
C ASN A 119 -9.47 4.12 33.16
N GLU A 120 -9.29 3.23 34.13
CA GLU A 120 -9.46 1.80 33.88
C GLU A 120 -10.94 1.44 33.79
N ASN A 121 -11.80 2.44 33.97
CA ASN A 121 -13.25 2.21 33.95
C ASN A 121 -13.95 2.87 32.76
N SER A 122 -13.33 3.88 32.17
CA SER A 122 -13.97 4.55 31.05
C SER A 122 -13.01 5.11 30.02
N GLU A 123 -13.41 4.97 28.77
CA GLU A 123 -12.61 5.45 27.66
C GLU A 123 -13.56 5.73 26.51
N GLN A 124 -13.06 6.42 25.50
CA GLN A 124 -13.86 6.72 24.33
C GLN A 124 -12.94 6.41 23.17
N ASP A 125 -13.48 5.85 22.10
CA ASP A 125 -12.61 5.52 20.99
C ASP A 125 -13.22 5.74 19.63
N ILE A 126 -12.34 5.84 18.65
CA ILE A 126 -12.73 6.05 17.27
C ILE A 126 -11.98 4.98 16.47
N ASN A 127 -12.48 4.61 15.29
CA ASN A 127 -11.78 3.57 14.53
C ASN A 127 -12.00 3.56 13.03
N PHE A 128 -11.17 2.77 12.38
CA PHE A 128 -11.18 2.54 10.96
C PHE A 128 -11.30 1.02 10.78
N SER A 129 -12.13 0.59 9.83
CA SER A 129 -12.29 -0.83 9.56
C SER A 129 -12.17 -1.04 8.03
N TYR A 130 -11.13 -1.74 7.61
CA TYR A 130 -10.90 -1.97 6.20
C TYR A 130 -11.92 -2.90 5.54
N ASP A 131 -12.28 -2.58 4.30
CA ASP A 131 -13.24 -3.39 3.55
C ASP A 131 -12.60 -4.75 3.31
N ILE A 132 -13.14 -5.76 3.97
CA ILE A 132 -12.64 -7.12 3.85
C ILE A 132 -12.78 -7.67 2.45
N SER A 133 -13.97 -7.53 1.88
CA SER A 133 -14.20 -8.04 0.53
C SER A 133 -13.16 -7.53 -0.45
N LYS A 134 -12.59 -6.36 -0.17
CA LYS A 134 -11.58 -5.78 -1.04
C LYS A 134 -10.15 -6.16 -0.66
N ASN A 135 -9.97 -6.76 0.50
CA ASN A 135 -8.65 -7.17 0.92
C ASN A 135 -8.75 -8.56 1.49
N ALA A 136 -9.20 -9.50 0.67
CA ALA A 136 -9.36 -10.87 1.12
C ALA A 136 -8.05 -11.51 1.56
N ALA A 137 -6.95 -11.11 0.95
CA ALA A 137 -5.63 -11.64 1.27
C ALA A 137 -5.03 -10.95 2.49
N GLY A 138 -5.81 -10.09 3.11
CA GLY A 138 -5.35 -9.35 4.26
C GLY A 138 -5.02 -7.92 3.87
N TYR A 139 -5.21 -6.97 4.79
CA TYR A 139 -4.91 -5.59 4.49
C TYR A 139 -3.42 -5.40 4.78
N ASN A 140 -2.58 -5.82 3.84
CA ASN A 140 -1.15 -5.75 4.08
C ASN A 140 -0.41 -4.63 3.38
N LYS A 141 -1.14 -3.59 3.01
CA LYS A 141 -0.55 -2.45 2.34
C LYS A 141 -0.11 -1.38 3.34
N TRP A 142 0.74 -0.48 2.87
CA TRP A 142 1.19 0.65 3.67
C TRP A 142 0.04 1.65 3.62
N PHE A 143 -0.17 2.39 4.69
CA PHE A 143 -1.21 3.41 4.70
C PHE A 143 -0.82 4.49 5.68
N PHE A 144 -1.34 5.69 5.42
CA PHE A 144 -1.05 6.84 6.26
C PHE A 144 -2.25 7.11 7.18
N VAL A 145 -1.95 7.27 8.46
CA VAL A 145 -2.96 7.53 9.46
C VAL A 145 -2.82 8.96 9.98
N THR A 146 -3.95 9.59 10.24
CA THR A 146 -3.94 10.94 10.79
C THR A 146 -5.09 10.96 11.77
N ILE A 147 -4.78 11.12 13.06
CA ILE A 147 -5.80 11.18 14.12
C ILE A 147 -5.80 12.58 14.72
N THR A 148 -6.91 13.31 14.54
CA THR A 148 -7.00 14.67 15.08
C THR A 148 -7.96 14.74 16.27
N THR A 149 -7.44 15.21 17.40
CA THR A 149 -8.24 15.32 18.61
C THR A 149 -8.38 16.71 19.19
N ASN A 150 -9.63 17.12 19.40
CA ASN A 150 -9.92 18.40 20.02
C ASN A 150 -10.65 18.00 21.31
N MET A 151 -10.00 18.17 22.45
CA MET A 151 -10.63 17.80 23.70
C MET A 151 -11.92 18.55 24.00
N MET A 152 -12.14 19.68 23.32
CA MET A 152 -13.38 20.41 23.52
C MET A 152 -14.23 20.22 22.27
N GLY A 153 -13.70 19.49 21.30
CA GLY A 153 -14.43 19.26 20.07
C GLY A 153 -14.61 17.80 19.64
N ASN A 154 -14.14 17.48 18.44
CA ASN A 154 -14.25 16.14 17.89
C ASN A 154 -12.94 15.37 17.75
N MET A 155 -13.10 14.05 17.73
CA MET A 155 -12.02 13.09 17.55
C MET A 155 -12.24 12.67 16.09
N MET A 156 -11.24 12.80 15.25
CA MET A 156 -11.42 12.39 13.85
C MET A 156 -10.26 11.51 13.39
N ILE A 157 -10.56 10.46 12.63
CA ILE A 157 -9.51 9.58 12.11
C ILE A 157 -9.56 9.55 10.58
N TYR A 158 -8.38 9.59 9.96
CA TYR A 158 -8.27 9.59 8.52
C TYR A 158 -7.35 8.49 8.06
N ILE A 159 -7.64 7.94 6.89
CA ILE A 159 -6.82 6.90 6.31
C ILE A 159 -6.42 7.41 4.94
N ASN A 160 -5.12 7.53 4.70
CA ASN A 160 -4.62 8.03 3.42
C ASN A 160 -5.31 9.33 3.00
N GLY A 161 -5.46 10.25 3.95
CA GLY A 161 -6.07 11.53 3.67
C GLY A 161 -7.58 11.58 3.56
N LYS A 162 -8.26 10.46 3.74
CA LYS A 162 -9.72 10.46 3.66
C LYS A 162 -10.35 10.33 5.04
N LEU A 163 -11.21 11.28 5.39
CA LEU A 163 -11.90 11.26 6.68
C LEU A 163 -12.62 9.94 6.79
N ILE A 164 -12.28 9.12 7.77
CA ILE A 164 -12.96 7.84 7.91
C ILE A 164 -14.10 7.85 8.90
N ASP A 165 -13.89 8.45 10.07
CA ASP A 165 -14.91 8.51 11.12
C ASP A 165 -14.69 9.75 11.98
N THR A 166 -15.72 10.15 12.72
CA THR A 166 -15.58 11.31 13.59
C THR A 166 -16.68 11.37 14.65
N ILE A 167 -16.28 11.45 15.91
CA ILE A 167 -17.24 11.54 17.01
C ILE A 167 -16.90 12.69 17.95
N LYS A 168 -17.93 13.18 18.63
CA LYS A 168 -17.80 14.29 19.57
C LYS A 168 -17.19 13.73 20.87
N VAL A 169 -16.07 14.32 21.28
CA VAL A 169 -15.37 13.89 22.51
C VAL A 169 -16.19 14.23 23.76
N LYS A 170 -16.41 13.22 24.61
CA LYS A 170 -17.18 13.39 25.84
C LYS A 170 -16.33 13.89 27.02
N GLU A 171 -16.97 14.07 28.18
CA GLU A 171 -16.30 14.54 29.37
C GLU A 171 -15.40 13.42 29.95
N LEU A 172 -14.09 13.59 29.80
CA LEU A 172 -13.13 12.61 30.30
C LEU A 172 -12.27 13.21 31.40
N THR A 173 -12.79 14.21 32.08
CA THR A 173 -12.04 14.87 33.15
C THR A 173 -11.33 13.85 34.02
N GLY A 174 -10.08 14.15 34.34
CA GLY A 174 -9.29 13.24 35.15
C GLY A 174 -8.28 12.55 34.25
N ILE A 175 -8.58 12.52 32.96
CA ILE A 175 -7.67 11.90 32.00
C ILE A 175 -6.29 12.57 32.16
N ASN A 176 -5.24 11.74 32.17
CA ASN A 176 -3.88 12.22 32.34
C ASN A 176 -2.93 11.58 31.32
N PHE A 177 -2.49 12.39 30.35
CA PHE A 177 -1.62 11.90 29.29
C PHE A 177 -0.20 11.61 29.70
N SER A 178 0.31 10.47 29.23
CA SER A 178 1.66 10.03 29.52
C SER A 178 2.64 10.73 28.59
N LYS A 179 3.82 11.08 29.11
CA LYS A 179 4.82 11.73 28.28
C LYS A 179 5.69 10.61 27.72
N THR A 180 5.10 9.43 27.67
CA THR A 180 5.77 8.25 27.15
C THR A 180 4.89 7.53 26.14
N ILE A 181 5.52 7.10 25.05
CA ILE A 181 4.85 6.36 23.99
C ILE A 181 5.72 5.13 23.72
N THR A 182 5.11 3.96 23.75
CA THR A 182 5.82 2.72 23.50
C THR A 182 5.28 1.96 22.30
N PHE A 183 6.18 1.67 21.35
CA PHE A 183 5.85 0.94 20.13
C PHE A 183 6.19 -0.53 20.34
N GLN A 184 5.18 -1.39 20.33
CA GLN A 184 5.41 -2.80 20.54
C GLN A 184 4.12 -3.57 20.35
N MET A 185 4.22 -4.69 19.66
CA MET A 185 3.06 -5.51 19.39
C MET A 185 2.77 -6.42 20.57
N ASN A 186 1.76 -6.04 21.33
CA ASN A 186 1.37 -6.80 22.50
C ASN A 186 -0.03 -7.33 22.34
N LYS A 187 -0.14 -8.64 22.48
CA LYS A 187 -1.40 -9.36 22.36
C LYS A 187 -2.29 -9.05 23.55
N ILE A 188 -3.57 -8.76 23.26
CA ILE A 188 -4.54 -8.49 24.32
C ILE A 188 -5.25 -9.81 24.61
N PRO A 189 -5.13 -10.31 25.85
CA PRO A 189 -5.78 -11.59 26.20
C PRO A 189 -7.27 -11.70 25.96
N ASN A 190 -7.68 -12.85 25.43
CA ASN A 190 -9.08 -13.15 25.17
C ASN A 190 -9.73 -12.33 24.09
N THR A 191 -8.99 -12.08 23.02
CA THR A 191 -9.52 -11.31 21.92
C THR A 191 -9.66 -12.23 20.71
N GLY A 192 -9.72 -13.53 21.00
CA GLY A 192 -9.92 -14.54 19.96
C GLY A 192 -8.70 -15.19 19.33
N LEU A 193 -7.56 -15.13 20.01
CA LEU A 193 -6.30 -15.69 19.50
C LEU A 193 -6.38 -16.84 18.49
N ILE A 194 -6.56 -16.49 17.21
CA ILE A 194 -6.63 -17.46 16.13
C ILE A 194 -5.40 -17.27 15.23
N THR A 195 -4.26 -17.76 15.72
CA THR A 195 -2.99 -17.68 15.00
C THR A 195 -3.07 -18.26 13.59
N ASN A 200 1.57 -14.53 14.59
CA ASN A 200 2.93 -13.88 14.55
C ASN A 200 3.04 -12.86 13.42
N ILE A 201 2.53 -11.66 13.65
CA ILE A 201 2.53 -10.59 12.65
C ILE A 201 3.70 -9.60 12.74
N ASN A 202 3.90 -8.85 11.66
CA ASN A 202 4.96 -7.84 11.58
C ASN A 202 4.35 -6.45 11.36
N MET A 203 5.06 -5.40 11.76
CA MET A 203 4.56 -4.06 11.59
C MET A 203 5.71 -3.08 11.31
N TRP A 204 5.53 -2.22 10.33
CA TRP A 204 6.54 -1.23 10.00
C TRP A 204 5.94 0.14 10.24
N ILE A 205 6.72 1.02 10.86
CA ILE A 205 6.28 2.37 11.12
C ILE A 205 7.32 3.30 10.51
N ARG A 206 6.88 4.49 10.14
CA ARG A 206 7.79 5.43 9.54
C ARG A 206 7.24 6.85 9.67
N ASP A 207 8.08 7.78 10.08
CA ASP A 207 7.70 9.18 10.25
C ASP A 207 6.48 9.37 11.13
N PHE A 208 6.65 9.05 12.41
CA PHE A 208 5.59 9.18 13.40
C PHE A 208 5.61 10.61 13.93
N TYR A 209 4.58 11.38 13.62
CA TYR A 209 4.51 12.77 14.08
C TYR A 209 3.37 13.04 15.06
N ILE A 210 3.49 14.16 15.76
CA ILE A 210 2.48 14.63 16.70
C ILE A 210 2.49 16.16 16.62
N PHE A 211 1.31 16.72 16.35
CA PHE A 211 1.15 18.16 16.21
C PHE A 211 0.27 18.70 17.32
N ALA A 212 0.67 19.84 17.89
CA ALA A 212 -0.10 20.45 18.95
C ALA A 212 -1.23 21.29 18.36
N LYS A 213 -1.95 20.70 17.40
CA LYS A 213 -3.07 21.37 16.78
C LYS A 213 -3.96 20.32 16.11
N GLU A 214 -5.20 20.69 15.85
CA GLU A 214 -6.12 19.80 15.19
C GLU A 214 -5.97 20.13 13.71
N LEU A 215 -5.26 19.26 12.99
CA LEU A 215 -5.02 19.44 11.56
C LEU A 215 -6.34 19.27 10.78
N ASP A 216 -6.51 20.06 9.72
CA ASP A 216 -7.71 19.95 8.91
C ASP A 216 -7.38 19.24 7.60
N ASP A 217 -8.39 18.94 6.82
CA ASP A 217 -8.19 18.25 5.55
C ASP A 217 -7.01 18.73 4.72
N LYS A 218 -7.08 19.99 4.29
CA LYS A 218 -6.01 20.55 3.46
C LYS A 218 -4.66 20.21 4.07
N ASP A 219 -4.51 20.44 5.37
CA ASP A 219 -3.25 20.14 6.04
C ASP A 219 -2.92 18.65 5.99
N ILE A 220 -3.84 17.81 6.47
CA ILE A 220 -3.62 16.37 6.47
C ILE A 220 -3.09 15.89 5.13
N ASN A 221 -3.83 16.18 4.06
CA ASN A 221 -3.41 15.71 2.75
C ASN A 221 -2.12 16.32 2.22
N ILE A 222 -1.83 17.57 2.57
CA ILE A 222 -0.59 18.18 2.12
C ILE A 222 0.55 17.39 2.76
N LEU A 223 0.39 17.08 4.04
CA LEU A 223 1.39 16.32 4.77
C LEU A 223 1.53 14.98 4.05
N PHE A 224 0.40 14.32 3.88
CA PHE A 224 0.30 13.04 3.20
C PHE A 224 1.22 12.96 1.98
N ASN A 225 0.98 13.85 1.02
CA ASN A 225 1.74 13.88 -0.22
C ASN A 225 3.21 14.21 -0.05
N SER A 226 3.50 15.26 0.71
CA SER A 226 4.87 15.69 0.93
C SER A 226 5.73 14.56 1.47
N LEU A 227 5.08 13.52 1.97
CA LEU A 227 5.77 12.39 2.55
C LEU A 227 6.04 11.27 1.55
N GLN A 228 5.68 11.48 0.30
CA GLN A 228 5.90 10.45 -0.71
C GLN A 228 6.34 10.97 -2.06
N TYR A 229 6.92 10.07 -2.86
CA TYR A 229 7.37 10.42 -4.19
C TYR A 229 6.33 9.90 -5.14
N THR A 230 5.32 10.72 -5.39
CA THR A 230 4.21 10.32 -6.25
C THR A 230 4.55 9.82 -7.64
N ASN A 231 5.77 10.10 -8.13
CA ASN A 231 6.14 9.64 -9.46
C ASN A 231 6.80 8.25 -9.44
N VAL A 232 7.01 7.70 -8.25
CA VAL A 232 7.56 6.36 -8.12
C VAL A 232 6.35 5.43 -8.01
N VAL A 233 6.15 4.59 -9.02
CA VAL A 233 5.02 3.67 -9.03
C VAL A 233 5.19 2.69 -7.86
N LYS A 234 4.09 2.30 -7.25
CA LYS A 234 4.16 1.38 -6.12
C LYS A 234 3.60 0.00 -6.42
N ASP A 235 4.08 -1.00 -5.69
CA ASP A 235 3.57 -2.34 -5.84
C ASP A 235 2.29 -2.41 -5.01
N TYR A 236 1.57 -3.52 -5.08
CA TYR A 236 0.31 -3.66 -4.36
C TYR A 236 0.37 -3.33 -2.87
N TRP A 237 1.50 -3.62 -2.24
CA TRP A 237 1.63 -3.35 -0.81
C TRP A 237 2.10 -1.94 -0.44
N GLY A 238 2.54 -1.16 -1.44
CA GLY A 238 2.99 0.19 -1.17
C GLY A 238 4.49 0.44 -1.23
N ASN A 239 5.30 -0.61 -1.37
CA ASN A 239 6.75 -0.45 -1.48
C ASN A 239 7.04 0.10 -2.87
N ASP A 240 8.26 0.58 -3.12
CA ASP A 240 8.60 1.09 -4.45
C ASP A 240 8.60 -0.07 -5.45
N LEU A 241 8.07 0.15 -6.64
CA LEU A 241 8.05 -0.88 -7.68
C LEU A 241 9.45 -0.91 -8.32
N ARG A 242 9.96 -2.11 -8.58
CA ARG A 242 11.29 -2.21 -9.15
C ARG A 242 11.37 -3.08 -10.40
N TYR A 243 12.44 -2.83 -11.18
CA TYR A 243 12.72 -3.59 -12.39
C TYR A 243 13.47 -4.82 -11.92
N ASP A 244 13.58 -5.83 -12.78
CA ASP A 244 14.31 -7.03 -12.43
C ASP A 244 13.77 -7.77 -11.21
N LYS A 245 12.45 -7.72 -11.00
CA LYS A 245 11.85 -8.44 -9.88
C LYS A 245 10.52 -9.11 -10.25
N GLU A 246 10.38 -10.37 -9.86
CA GLU A 246 9.16 -11.12 -10.14
C GLU A 246 7.96 -10.55 -9.40
N TYR A 247 6.86 -10.34 -10.12
CA TYR A 247 5.62 -9.81 -9.55
C TYR A 247 4.44 -10.55 -10.16
N TYR A 248 3.33 -10.58 -9.45
CA TYR A 248 2.13 -11.19 -10.00
C TYR A 248 1.35 -9.97 -10.49
N MET A 249 1.14 -9.90 -11.81
CA MET A 249 0.42 -8.80 -12.40
C MET A 249 -1.08 -9.13 -12.39
N ILE A 250 -1.85 -8.28 -11.74
CA ILE A 250 -3.29 -8.50 -11.60
C ILE A 250 -4.09 -7.25 -11.96
N ASN A 251 -5.25 -7.43 -12.59
CA ASN A 251 -6.06 -6.27 -12.94
C ASN A 251 -6.98 -5.96 -11.76
N VAL A 252 -7.12 -4.69 -11.43
CA VAL A 252 -7.98 -4.29 -10.31
C VAL A 252 -9.41 -4.86 -10.33
N ASN A 253 -10.02 -4.96 -11.51
CA ASN A 253 -11.37 -5.51 -11.59
C ASN A 253 -11.44 -7.03 -11.51
N TYR A 254 -10.29 -7.69 -11.66
CA TYR A 254 -10.27 -9.14 -11.59
C TYR A 254 -9.23 -9.66 -10.62
N MET A 255 -9.35 -9.26 -9.35
CA MET A 255 -8.41 -9.67 -8.31
C MET A 255 -8.41 -11.17 -8.01
N ASN A 256 -9.39 -11.89 -8.51
CA ASN A 256 -9.45 -13.33 -8.28
C ASN A 256 -9.00 -14.08 -9.52
N ARG A 257 -8.09 -13.45 -10.26
CA ARG A 257 -7.54 -14.03 -11.49
C ARG A 257 -6.03 -14.01 -11.47
N TYR A 258 -5.42 -15.09 -11.95
CA TYR A 258 -3.97 -15.15 -12.04
C TYR A 258 -3.62 -15.28 -13.52
N MET A 259 -2.36 -15.07 -13.88
CA MET A 259 -1.97 -15.16 -15.28
C MET A 259 -1.55 -16.54 -15.76
N SER A 260 -2.11 -16.93 -16.88
CA SER A 260 -1.80 -18.20 -17.50
C SER A 260 -1.57 -17.96 -18.99
N LYS A 261 -1.28 -19.04 -19.71
CA LYS A 261 -0.99 -18.93 -21.13
C LYS A 261 -1.60 -20.11 -21.89
N LYS A 262 -2.03 -19.84 -23.12
CA LYS A 262 -2.56 -20.89 -23.98
C LYS A 262 -2.20 -20.46 -25.40
N GLY A 263 -1.16 -21.06 -25.95
CA GLY A 263 -0.72 -20.68 -27.28
C GLY A 263 -0.01 -19.33 -27.13
N ASN A 264 -0.23 -18.43 -28.08
CA ASN A 264 0.39 -17.12 -28.02
C ASN A 264 -0.24 -16.21 -26.99
N GLY A 265 -1.49 -16.51 -26.62
CA GLY A 265 -2.18 -15.64 -25.69
C GLY A 265 -1.97 -15.78 -24.20
N ILE A 266 -2.31 -14.71 -23.48
CA ILE A 266 -2.23 -14.69 -22.03
C ILE A 266 -3.70 -14.78 -21.61
N VAL A 267 -4.06 -15.85 -20.90
CA VAL A 267 -5.44 -15.99 -20.44
C VAL A 267 -5.49 -15.82 -18.92
N PHE A 268 -6.62 -15.35 -18.41
CA PHE A 268 -6.78 -15.17 -16.98
C PHE A 268 -7.67 -16.21 -16.33
N ASN A 269 -7.09 -16.98 -15.41
CA ASN A 269 -7.84 -18.02 -14.72
C ASN A 269 -8.24 -17.65 -13.30
N THR A 270 -9.31 -18.28 -12.83
CA THR A 270 -9.82 -18.04 -11.48
C THR A 270 -8.84 -18.66 -10.47
N ARG A 271 -8.39 -17.88 -9.48
CA ARG A 271 -7.44 -18.42 -8.52
C ARG A 271 -8.14 -19.38 -7.57
N LYS A 272 -7.35 -20.28 -6.97
CA LYS A 272 -7.87 -21.30 -6.06
C LYS A 272 -8.50 -20.71 -4.81
N ASN A 273 -7.75 -19.88 -4.09
CA ASN A 273 -8.26 -19.21 -2.90
C ASN A 273 -7.64 -17.83 -2.67
N ASN A 274 -8.01 -17.21 -1.56
CA ASN A 274 -7.53 -15.86 -1.27
C ASN A 274 -6.44 -15.71 -0.21
N ASN A 275 -6.07 -16.77 0.48
CA ASN A 275 -5.04 -16.60 1.48
C ASN A 275 -3.71 -16.22 0.81
N ASP A 276 -3.72 -16.20 -0.52
CA ASP A 276 -2.52 -15.89 -1.29
C ASP A 276 -2.77 -15.27 -2.67
N PHE A 277 -1.71 -14.72 -3.23
CA PHE A 277 -1.75 -14.14 -4.57
C PHE A 277 -0.71 -14.91 -5.39
N ASN A 278 -0.11 -15.88 -4.72
CA ASN A 278 0.92 -16.70 -5.34
C ASN A 278 0.37 -17.89 -6.12
N GLU A 279 0.01 -17.62 -7.38
CA GLU A 279 -0.52 -18.64 -8.27
C GLU A 279 -0.33 -18.20 -9.73
N GLY A 280 0.01 -19.14 -10.59
CA GLY A 280 0.21 -18.79 -11.99
C GLY A 280 1.60 -18.24 -12.27
N TYR A 281 1.78 -17.71 -13.47
CA TYR A 281 3.06 -17.17 -13.90
C TYR A 281 3.34 -15.78 -13.34
N LYS A 282 4.62 -15.44 -13.25
CA LYS A 282 5.04 -14.15 -12.75
C LYS A 282 5.66 -13.33 -13.86
N ILE A 283 5.68 -12.01 -13.69
CA ILE A 283 6.29 -11.12 -14.68
C ILE A 283 7.51 -10.40 -14.10
N ILE A 284 8.38 -9.92 -14.99
CA ILE A 284 9.56 -9.17 -14.57
C ILE A 284 9.56 -7.89 -15.42
N ILE A 285 9.57 -6.73 -14.77
CA ILE A 285 9.56 -5.48 -15.51
C ILE A 285 10.97 -5.09 -15.94
N LYS A 286 11.17 -4.89 -17.24
CA LYS A 286 12.48 -4.50 -17.74
C LYS A 286 12.43 -3.09 -18.34
N ARG A 287 13.33 -2.25 -17.85
CA ARG A 287 13.43 -0.85 -18.25
C ARG A 287 14.02 -0.62 -19.64
N ILE A 288 13.46 0.35 -20.37
CA ILE A 288 13.96 0.68 -21.68
C ILE A 288 14.45 2.13 -21.71
N ARG A 289 13.65 3.03 -21.17
CA ARG A 289 14.01 4.46 -21.13
C ARG A 289 13.52 5.10 -19.83
N GLY A 290 14.27 6.07 -19.32
CA GLY A 290 13.87 6.74 -18.09
C GLY A 290 14.86 7.80 -17.65
N ASN A 291 14.44 8.70 -16.77
CA ASN A 291 15.29 9.76 -16.25
C ASN A 291 16.33 9.19 -15.31
N THR A 292 15.86 8.74 -14.16
CA THR A 292 16.72 8.14 -13.16
C THR A 292 16.92 6.69 -13.55
N ASN A 293 18.08 6.14 -13.17
CA ASN A 293 18.39 4.75 -13.45
C ASN A 293 18.82 4.17 -12.11
N ASP A 294 17.84 3.91 -11.25
CA ASP A 294 18.10 3.38 -9.92
C ASP A 294 17.28 2.14 -9.52
N THR A 295 16.68 1.46 -10.50
CA THR A 295 15.88 0.26 -10.28
C THR A 295 14.41 0.52 -9.93
N ARG A 296 14.05 1.77 -9.64
CA ARG A 296 12.66 2.06 -9.31
C ARG A 296 11.89 2.47 -10.55
N VAL A 297 10.71 1.88 -10.74
CA VAL A 297 9.89 2.22 -11.89
C VAL A 297 9.23 3.57 -11.61
N ARG A 298 9.44 4.54 -12.52
CA ARG A 298 8.89 5.87 -12.35
C ARG A 298 7.90 6.28 -13.43
N GLY A 299 7.21 7.38 -13.15
CA GLY A 299 6.22 7.95 -14.03
C GLY A 299 6.31 7.63 -15.51
N GLU A 300 6.89 8.53 -16.30
CA GLU A 300 7.02 8.26 -17.73
C GLU A 300 8.00 7.22 -18.28
N ASN A 301 8.36 6.22 -17.49
CA ASN A 301 9.30 5.21 -17.97
C ASN A 301 8.73 4.36 -19.11
N VAL A 302 9.62 3.91 -19.98
CA VAL A 302 9.24 3.03 -21.09
C VAL A 302 9.82 1.67 -20.72
N LEU A 303 8.97 0.65 -20.72
CA LEU A 303 9.40 -0.69 -20.32
C LEU A 303 8.70 -1.84 -21.04
N TYR A 304 9.18 -3.06 -20.80
CA TYR A 304 8.56 -4.24 -21.38
C TYR A 304 8.45 -5.29 -20.28
N PHE A 305 7.67 -6.35 -20.53
CA PHE A 305 7.50 -7.41 -19.54
C PHE A 305 7.99 -8.78 -20.00
N ASN A 306 8.75 -9.44 -19.14
CA ASN A 306 9.27 -10.77 -19.42
C ASN A 306 8.55 -11.74 -18.49
N THR A 307 8.47 -12.98 -18.89
CA THR A 307 7.87 -13.99 -18.04
C THR A 307 8.39 -15.38 -18.40
N THR A 308 8.82 -16.10 -17.38
CA THR A 308 9.33 -17.45 -17.56
C THR A 308 8.16 -18.41 -17.44
N ILE A 309 7.87 -19.16 -18.50
CA ILE A 309 6.75 -20.10 -18.43
C ILE A 309 7.23 -21.52 -18.17
N ASP A 310 7.68 -22.24 -19.17
CA ASP A 310 8.14 -23.57 -18.80
C ASP A 310 9.57 -23.36 -18.35
N ASN A 311 10.50 -23.56 -19.28
CA ASN A 311 11.88 -23.32 -18.96
C ASN A 311 12.33 -22.41 -20.07
N LYS A 312 11.40 -21.58 -20.49
CA LYS A 312 11.64 -20.64 -21.54
C LYS A 312 11.08 -19.34 -21.04
N GLN A 313 11.60 -18.25 -21.57
CA GLN A 313 11.15 -16.93 -21.17
C GLN A 313 10.60 -16.18 -22.37
N TYR A 314 9.39 -15.65 -22.22
CA TYR A 314 8.73 -14.89 -23.27
C TYR A 314 8.63 -13.43 -22.85
N SER A 315 8.16 -12.60 -23.78
CA SER A 315 7.96 -11.19 -23.49
C SER A 315 6.53 -10.91 -23.93
N LEU A 316 5.90 -9.90 -23.35
CA LEU A 316 4.54 -9.59 -23.72
C LEU A 316 4.46 -8.65 -24.93
N GLY A 317 3.63 -9.04 -25.89
CA GLY A 317 3.43 -8.25 -27.09
C GLY A 317 2.10 -8.58 -27.75
N MET A 318 1.67 -7.70 -28.62
CA MET A 318 0.42 -7.89 -29.32
C MET A 318 0.59 -9.07 -30.28
N TYR A 319 -0.51 -9.63 -30.74
CA TYR A 319 -0.45 -10.75 -31.68
C TYR A 319 -1.78 -10.77 -32.42
N LYS A 320 -1.79 -11.30 -33.64
CA LYS A 320 -3.01 -11.37 -34.42
C LYS A 320 -3.83 -12.54 -33.90
N PRO A 321 -5.07 -12.27 -33.44
CA PRO A 321 -5.94 -13.33 -32.91
C PRO A 321 -6.56 -14.19 -34.02
N SER A 322 -7.08 -15.36 -33.66
CA SER A 322 -7.71 -16.24 -34.64
C SER A 322 -8.74 -15.46 -35.46
N ARG A 323 -9.27 -14.38 -34.90
CA ARG A 323 -10.24 -13.56 -35.61
C ARG A 323 -10.29 -12.20 -34.95
N ASN A 324 -10.76 -11.19 -35.67
CA ASN A 324 -10.82 -9.84 -35.11
C ASN A 324 -11.74 -9.79 -33.90
N LEU A 325 -11.22 -9.26 -32.79
CA LEU A 325 -11.98 -9.17 -31.56
C LEU A 325 -12.79 -7.88 -31.45
N GLY A 326 -12.45 -6.88 -32.26
CA GLY A 326 -13.19 -5.63 -32.19
C GLY A 326 -12.42 -4.46 -32.75
N THR A 327 -13.13 -3.37 -33.01
CA THR A 327 -12.53 -2.15 -33.55
C THR A 327 -11.46 -1.61 -32.61
N ASP A 328 -10.25 -1.43 -33.13
CA ASP A 328 -9.15 -0.91 -32.33
C ASP A 328 -8.79 -1.75 -31.10
N LEU A 329 -9.07 -3.03 -31.15
CA LEU A 329 -8.73 -3.92 -30.04
C LEU A 329 -7.71 -4.95 -30.48
N VAL A 330 -6.58 -5.01 -29.78
CA VAL A 330 -5.57 -6.00 -30.11
C VAL A 330 -5.15 -6.75 -28.84
N PRO A 331 -5.14 -8.09 -28.90
CA PRO A 331 -4.75 -8.90 -27.74
C PRO A 331 -3.27 -8.82 -27.37
N LEU A 332 -2.98 -9.08 -26.09
CA LEU A 332 -1.62 -9.08 -25.57
C LEU A 332 -1.26 -10.52 -25.20
N GLY A 333 -0.16 -11.02 -25.73
CA GLY A 333 0.23 -12.39 -25.42
C GLY A 333 1.68 -12.59 -25.03
N ALA A 334 2.07 -13.86 -24.88
CA ALA A 334 3.42 -14.23 -24.49
C ALA A 334 4.19 -14.67 -25.74
N LEU A 335 5.09 -13.82 -26.22
CA LEU A 335 5.86 -14.11 -27.44
C LEU A 335 7.37 -14.22 -27.22
N ASP A 336 8.01 -15.22 -27.81
CA ASP A 336 9.46 -15.40 -27.69
C ASP A 336 10.13 -14.58 -28.80
N GLN A 337 10.06 -13.26 -28.70
CA GLN A 337 10.61 -12.37 -29.73
C GLN A 337 11.87 -11.61 -29.35
N PRO A 338 12.67 -11.21 -30.36
CA PRO A 338 13.91 -10.45 -30.17
C PRO A 338 13.55 -9.00 -29.87
N MET A 339 14.50 -8.25 -29.32
CA MET A 339 14.28 -6.86 -28.91
C MET A 339 13.68 -5.89 -29.94
N ASP A 340 13.97 -6.07 -31.23
CA ASP A 340 13.39 -5.18 -32.22
C ASP A 340 11.87 -5.35 -32.23
N GLU A 341 11.43 -6.58 -31.99
CA GLU A 341 10.01 -6.89 -31.97
C GLU A 341 9.32 -6.32 -30.74
N ILE A 342 10.05 -6.25 -29.62
CA ILE A 342 9.46 -5.73 -28.40
C ILE A 342 9.25 -4.23 -28.49
N ARG A 343 10.17 -3.52 -29.16
CA ARG A 343 10.03 -2.08 -29.31
C ARG A 343 8.75 -1.73 -30.08
N LYS A 344 8.44 -2.56 -31.08
CA LYS A 344 7.26 -2.34 -31.91
C LYS A 344 5.94 -2.89 -31.37
N TYR A 345 5.98 -4.00 -30.66
CA TYR A 345 4.76 -4.61 -30.18
C TYR A 345 4.59 -4.85 -28.69
N GLY A 346 5.65 -4.68 -27.90
CA GLY A 346 5.50 -4.94 -26.48
C GLY A 346 6.07 -3.95 -25.49
N SER A 347 6.28 -2.70 -25.93
CA SER A 347 6.82 -1.68 -25.05
C SER A 347 5.70 -0.84 -24.45
N PHE A 348 5.84 -0.49 -23.18
CA PHE A 348 4.84 0.31 -22.51
C PHE A 348 5.37 1.52 -21.74
N ILE A 349 4.55 2.57 -21.71
CA ILE A 349 4.86 3.78 -20.97
C ILE A 349 3.94 3.63 -19.78
N ILE A 350 4.51 3.61 -18.59
CA ILE A 350 3.74 3.43 -17.36
C ILE A 350 3.42 4.75 -16.68
N GLN A 351 2.34 4.78 -15.91
CA GLN A 351 1.95 5.97 -15.18
C GLN A 351 1.39 5.51 -13.84
N PRO A 352 1.87 6.10 -12.74
CA PRO A 352 1.30 5.64 -11.47
C PRO A 352 -0.19 6.01 -11.37
N CYS A 353 -0.96 5.15 -10.72
CA CYS A 353 -2.38 5.40 -10.55
C CYS A 353 -2.80 4.85 -9.20
N ASN A 354 -2.69 5.68 -8.17
CA ASN A 354 -3.03 5.32 -6.81
C ASN A 354 -4.39 5.82 -6.40
N THR A 355 -5.08 5.05 -5.57
CA THR A 355 -6.40 5.44 -5.10
C THR A 355 -6.43 5.04 -3.64
N PHE A 356 -7.44 5.52 -2.94
CA PHE A 356 -7.57 5.18 -1.54
C PHE A 356 -7.52 3.65 -1.36
N ASP A 357 -8.06 2.92 -2.33
CA ASP A 357 -8.12 1.46 -2.29
C ASP A 357 -6.89 0.66 -2.71
N TYR A 358 -6.02 1.24 -3.52
CA TYR A 358 -4.86 0.48 -3.99
C TYR A 358 -3.75 1.27 -4.65
N TYR A 359 -2.58 0.65 -4.71
CA TYR A 359 -1.42 1.21 -5.37
C TYR A 359 -1.43 0.48 -6.69
N ALA A 360 -1.87 1.16 -7.74
CA ALA A 360 -1.94 0.57 -9.06
C ALA A 360 -1.21 1.43 -10.08
N SER A 361 -1.33 1.06 -11.35
CA SER A 361 -0.67 1.79 -12.41
C SER A 361 -1.44 1.66 -13.70
N GLN A 362 -1.11 2.54 -14.64
CA GLN A 362 -1.71 2.48 -15.96
C GLN A 362 -0.59 2.25 -16.95
N LEU A 363 -0.89 1.53 -18.02
CA LEU A 363 0.09 1.20 -19.05
C LEU A 363 -0.42 1.57 -20.44
N PHE A 364 0.36 2.38 -21.13
CA PHE A 364 0.03 2.82 -22.47
C PHE A 364 0.96 2.15 -23.49
N LEU A 365 0.41 1.74 -24.62
CA LEU A 365 1.21 1.13 -25.66
C LEU A 365 2.19 2.18 -26.19
N SER A 366 3.48 1.86 -26.15
CA SER A 366 4.52 2.76 -26.61
C SER A 366 4.70 2.65 -28.11
N SER A 367 5.05 3.77 -28.73
CA SER A 367 5.28 3.77 -30.16
C SER A 367 6.78 3.61 -30.36
N ASN A 368 7.20 2.49 -30.91
CA ASN A 368 8.62 2.25 -31.15
C ASN A 368 9.50 2.47 -29.93
N ALA A 369 8.97 2.14 -28.75
CA ALA A 369 9.71 2.28 -27.50
C ALA A 369 9.95 3.73 -27.11
N THR A 370 9.09 4.62 -27.57
CA THR A 370 9.21 6.04 -27.21
C THR A 370 8.12 6.34 -26.20
N THR A 371 8.03 7.59 -25.76
CA THR A 371 7.00 7.98 -24.82
C THR A 371 5.74 8.41 -25.56
N ASN A 372 5.70 8.12 -26.86
CA ASN A 372 4.56 8.45 -27.69
C ASN A 372 3.53 7.33 -27.56
N ARG A 373 2.40 7.67 -26.97
CA ARG A 373 1.33 6.72 -26.71
C ARG A 373 0.51 6.35 -27.92
N LEU A 374 0.06 5.10 -27.96
CA LEU A 374 -0.74 4.59 -29.07
C LEU A 374 -2.01 3.89 -28.62
N GLY A 375 -2.16 3.68 -27.31
CA GLY A 375 -3.33 3.01 -26.79
C GLY A 375 -3.17 2.70 -25.32
N ILE A 376 -4.22 2.20 -24.69
CA ILE A 376 -4.14 1.89 -23.27
C ILE A 376 -4.33 0.37 -23.08
N LEU A 377 -3.89 -0.15 -21.94
CA LEU A 377 -4.01 -1.58 -21.69
C LEU A 377 -5.20 -1.91 -20.79
N SER A 378 -6.07 -2.78 -21.26
CA SER A 378 -7.26 -3.15 -20.51
C SER A 378 -7.41 -4.67 -20.41
N ILE A 379 -8.61 -5.10 -20.04
CA ILE A 379 -8.90 -6.52 -19.92
C ILE A 379 -10.37 -6.73 -20.31
N GLY A 380 -10.70 -7.92 -20.77
CA GLY A 380 -12.06 -8.21 -21.16
C GLY A 380 -12.14 -9.62 -21.68
N SER A 381 -13.36 -10.13 -21.85
CA SER A 381 -13.51 -11.48 -22.35
C SER A 381 -13.91 -11.43 -23.82
N TYR A 382 -13.27 -12.27 -24.63
CA TYR A 382 -13.54 -12.34 -26.06
C TYR A 382 -13.58 -13.79 -26.54
N SER A 383 -14.26 -14.01 -27.66
CA SER A 383 -14.37 -15.35 -28.23
C SER A 383 -13.53 -15.58 -29.48
N PHE A 384 -12.49 -16.38 -29.35
CA PHE A 384 -11.62 -16.73 -30.46
C PHE A 384 -10.92 -18.02 -30.13
N LYS A 385 -9.86 -18.35 -30.86
CA LYS A 385 -9.18 -19.60 -30.60
C LYS A 385 -7.72 -19.42 -30.25
N LEU A 386 -7.25 -20.29 -29.38
CA LEU A 386 -5.87 -20.25 -28.93
C LEU A 386 -5.35 -21.67 -28.86
N GLY A 387 -4.03 -21.81 -28.84
CA GLY A 387 -3.42 -23.11 -28.74
C GLY A 387 -4.06 -24.09 -29.70
N ASP A 388 -4.49 -25.24 -29.19
CA ASP A 388 -5.09 -26.26 -30.04
C ASP A 388 -6.61 -26.16 -30.16
N ASP A 389 -7.15 -24.98 -29.87
CA ASP A 389 -8.58 -24.74 -30.02
C ASP A 389 -8.83 -25.03 -31.47
N TYR A 390 -9.75 -25.95 -31.76
CA TYR A 390 -10.01 -26.31 -33.15
C TYR A 390 -11.41 -26.03 -33.68
N ALA A 391 -12.33 -26.94 -33.40
CA ALA A 391 -13.70 -26.82 -33.90
C ALA A 391 -14.52 -25.59 -33.41
N PHE A 392 -14.35 -25.18 -32.14
CA PHE A 392 -15.12 -24.05 -31.60
C PHE A 392 -14.33 -22.81 -31.18
N ASN A 393 -15.08 -21.75 -30.85
CA ASN A 393 -14.51 -20.50 -30.37
C ASN A 393 -14.76 -20.48 -28.87
N HIS A 394 -13.79 -19.96 -28.11
CA HIS A 394 -13.93 -19.95 -26.66
C HIS A 394 -13.74 -18.59 -26.03
N GLU A 395 -14.48 -18.34 -24.96
CA GLU A 395 -14.38 -17.09 -24.23
C GLU A 395 -13.09 -17.13 -23.42
N TYR A 396 -12.27 -16.09 -23.57
CA TYR A 396 -11.00 -15.99 -22.86
C TYR A 396 -10.88 -14.60 -22.29
N LEU A 397 -10.69 -14.51 -20.98
CA LEU A 397 -10.52 -13.22 -20.35
C LEU A 397 -9.06 -12.90 -20.70
N ILE A 398 -8.85 -11.87 -21.50
CA ILE A 398 -7.48 -11.56 -21.93
C ILE A 398 -7.05 -10.11 -21.72
N PRO A 399 -5.73 -9.87 -21.73
CA PRO A 399 -5.23 -8.51 -21.57
C PRO A 399 -5.37 -7.95 -22.99
N VAL A 400 -6.04 -6.83 -23.14
CA VAL A 400 -6.26 -6.31 -24.47
C VAL A 400 -5.88 -4.85 -24.54
N ILE A 401 -5.54 -4.37 -25.73
CA ILE A 401 -5.20 -2.97 -25.89
C ILE A 401 -6.25 -2.26 -26.72
N LYS A 402 -6.75 -1.13 -26.24
CA LYS A 402 -7.71 -0.34 -27.00
C LYS A 402 -6.75 0.64 -27.66
N ILE A 403 -6.61 0.50 -28.98
CA ILE A 403 -5.66 1.31 -29.71
C ILE A 403 -5.83 2.81 -29.80
N GLU A 404 -6.38 3.33 -30.88
CA GLU A 404 -6.44 4.78 -30.96
C GLU A 404 -7.38 5.62 -30.11
N HIS A 405 -8.58 5.12 -29.89
CA HIS A 405 -9.57 5.87 -29.13
C HIS A 405 -9.85 5.21 -27.79
N TYR A 406 -9.42 5.86 -26.71
CA TYR A 406 -9.62 5.29 -25.38
C TYR A 406 -9.85 6.31 -24.27
N ALA A 407 -10.30 7.51 -24.64
CA ALA A 407 -10.55 8.55 -23.65
C ALA A 407 -11.50 8.06 -22.55
N SER A 408 -12.36 7.10 -22.89
CA SER A 408 -13.31 6.55 -21.92
C SER A 408 -12.66 5.54 -20.98
N LEU A 409 -11.81 4.67 -21.51
CA LEU A 409 -11.13 3.68 -20.70
C LEU A 409 -10.15 4.39 -19.76
N LEU A 410 -9.66 5.52 -20.23
CA LEU A 410 -8.74 6.35 -19.48
C LEU A 410 -9.27 6.53 -18.05
N GLU A 411 -10.58 6.46 -17.92
CA GLU A 411 -11.26 6.62 -16.64
C GLU A 411 -11.68 5.33 -15.96
N SER A 412 -11.47 4.19 -16.61
CA SER A 412 -11.91 2.95 -16.02
C SER A 412 -10.90 2.17 -15.17
N THR A 413 -11.41 1.56 -14.11
CA THR A 413 -10.60 0.76 -13.21
C THR A 413 -10.08 -0.50 -13.89
N SER A 414 -10.59 -0.79 -15.08
CA SER A 414 -10.15 -1.97 -15.81
C SER A 414 -8.85 -1.68 -16.56
N THR A 415 -8.26 -0.53 -16.28
CA THR A 415 -6.98 -0.17 -16.90
C THR A 415 -6.00 -0.01 -15.75
N HIS A 416 -6.48 -0.30 -14.55
CA HIS A 416 -5.69 -0.20 -13.34
C HIS A 416 -4.99 -1.53 -13.05
N TRP A 417 -3.68 -1.53 -13.24
CA TRP A 417 -2.88 -2.72 -13.03
C TRP A 417 -2.06 -2.69 -11.76
N VAL A 418 -2.13 -3.80 -11.05
CA VAL A 418 -1.44 -3.99 -9.79
C VAL A 418 -0.33 -5.05 -9.89
N PHE A 419 0.68 -4.92 -9.04
CA PHE A 419 1.79 -5.88 -9.03
C PHE A 419 2.08 -6.40 -7.61
N VAL A 420 1.78 -7.67 -7.35
CA VAL A 420 2.06 -8.25 -6.05
C VAL A 420 3.44 -8.92 -6.09
N PRO A 421 4.34 -8.54 -5.17
CA PRO A 421 5.65 -9.18 -5.20
C PRO A 421 5.57 -10.68 -4.93
N ALA A 422 6.25 -11.45 -5.78
CA ALA A 422 6.27 -12.91 -5.63
C ALA A 422 7.07 -13.24 -4.37
N SER A 423 8.15 -12.51 -4.17
CA SER A 423 9.06 -12.67 -3.03
C SER A 423 9.23 -14.12 -2.53
#